data_4PNG
#
_entry.id   4PNG
#
_cell.length_a   56.731
_cell.length_b   87.090
_cell.length_c   87.226
_cell.angle_alpha   90.000
_cell.angle_beta   90.000
_cell.angle_gamma   90.000
#
_symmetry.space_group_name_H-M   'P 21 21 21'
#
loop_
_entity.id
_entity.type
_entity.pdbx_description
1 polymer LD04004p
2 non-polymer L-GAMMA-GLUTAMYL-3-SULFINO-L-ALANYLGLYCINE
3 water water
#
_entity_poly.entity_id   1
_entity_poly.type   'polypeptide(L)'
_entity_poly.pdbx_seq_one_letter_code
;HHHHHHMPKLILYGLEASPPVRAVKLTLAALEVPYEFVEVNTRAKENFSEEFLKKNPQHTVPTLEDDGHYIWDSHAIIAY
LVSKYGKTDSLYPKDLLQRAVVDQRLHFESGVIFANALRSITKPLFAGKQTMIPKERYDAIIEVYDFLEKFLAGNDYVAG
NQLTIADFSIISTVSSLEVFVKVDTTKYPRIAAWFKRLQKLPYYEEANGNGARTFESFIREYNFTFASN
;
_entity_poly.pdbx_strand_id   A,B
#
loop_
_chem_comp.id
_chem_comp.type
_chem_comp.name
_chem_comp.formula
GSF non-polymer L-GAMMA-GLUTAMYL-3-SULFINO-L-ALANYLGLYCINE 'C10 H17 N3 O8 S'
#
# COMPACT_ATOMS: atom_id res chain seq x y z
N LYS A 9 10.44 -24.26 -11.67
CA LYS A 9 10.32 -23.83 -10.25
C LYS A 9 10.55 -22.31 -10.08
N LEU A 10 10.76 -21.89 -8.83
CA LEU A 10 10.68 -20.46 -8.50
C LEU A 10 12.01 -19.84 -8.20
N ILE A 11 12.19 -18.58 -8.58
CA ILE A 11 13.35 -17.80 -8.15
C ILE A 11 12.89 -16.53 -7.43
N LEU A 12 13.43 -16.33 -6.23
CA LEU A 12 13.21 -15.11 -5.45
C LEU A 12 14.47 -14.27 -5.53
N TYR A 13 14.30 -13.03 -5.97
CA TYR A 13 15.38 -12.05 -6.05
C TYR A 13 15.28 -11.04 -4.91
N GLY A 14 16.37 -10.84 -4.19
CA GLY A 14 16.37 -9.85 -3.13
C GLY A 14 17.51 -10.03 -2.18
N LEU A 15 17.36 -9.42 -1.02
CA LEU A 15 18.27 -9.63 0.11
C LEU A 15 17.40 -9.85 1.32
N GLU A 16 17.77 -10.80 2.15
CA GLU A 16 16.91 -11.11 3.30
C GLU A 16 16.88 -9.95 4.31
N ALA A 17 17.84 -9.02 4.29
CA ALA A 17 17.72 -7.84 5.13
C ALA A 17 16.43 -7.05 4.86
N SER A 18 15.94 -7.10 3.62
CA SER A 18 14.80 -6.27 3.21
C SER A 18 13.50 -6.85 3.80
N PRO A 19 12.75 -6.05 4.58
CA PRO A 19 11.49 -6.58 5.15
C PRO A 19 10.55 -7.25 4.14
N PRO A 20 10.23 -6.58 3.01
CA PRO A 20 9.29 -7.28 2.12
C PRO A 20 9.83 -8.57 1.52
N VAL A 21 11.15 -8.73 1.44
CA VAL A 21 11.71 -10.00 1.00
C VAL A 21 11.42 -11.08 2.03
N ARG A 22 11.55 -10.72 3.29
CA ARG A 22 11.23 -11.66 4.38
C ARG A 22 9.76 -12.08 4.40
N ALA A 23 8.86 -11.16 4.05
CA ALA A 23 7.46 -11.55 3.97
C ALA A 23 7.29 -12.68 2.98
N VAL A 24 8.03 -12.60 1.88
CA VAL A 24 7.96 -13.68 0.88
C VAL A 24 8.64 -14.96 1.40
N LYS A 25 9.81 -14.84 2.00
CA LYS A 25 10.48 -16.02 2.59
C LYS A 25 9.57 -16.74 3.57
N LEU A 26 8.87 -15.98 4.41
CA LEU A 26 7.92 -16.56 5.37
C LEU A 26 6.83 -17.34 4.67
N THR A 27 6.29 -16.75 3.60
CA THR A 27 5.20 -17.35 2.87
C THR A 27 5.66 -18.63 2.19
N LEU A 28 6.81 -18.58 1.53
CA LEU A 28 7.36 -19.77 0.87
C LEU A 28 7.63 -20.91 1.86
N ALA A 29 8.18 -20.57 3.01
CA ALA A 29 8.38 -21.57 4.08
C ALA A 29 7.09 -22.15 4.61
N ALA A 30 6.08 -21.32 4.81
CA ALA A 30 4.79 -21.81 5.27
C ALA A 30 4.16 -22.76 4.27
N LEU A 31 4.30 -22.43 2.98
CA LEU A 31 3.75 -23.26 1.90
C LEU A 31 4.61 -24.48 1.59
N GLU A 32 5.82 -24.52 2.13
CA GLU A 32 6.78 -25.60 1.86
C GLU A 32 7.02 -25.75 0.37
N VAL A 33 7.21 -24.62 -0.32
CA VAL A 33 7.49 -24.60 -1.73
C VAL A 33 8.99 -24.30 -1.88
N PRO A 34 9.73 -25.21 -2.54
CA PRO A 34 11.15 -24.96 -2.72
C PRO A 34 11.40 -23.81 -3.69
N TYR A 35 12.52 -23.13 -3.52
CA TYR A 35 12.89 -22.04 -4.43
C TYR A 35 14.38 -21.75 -4.42
N GLU A 36 14.81 -21.10 -5.50
CA GLU A 36 16.18 -20.62 -5.64
C GLU A 36 16.17 -19.17 -5.19
N PHE A 37 17.16 -18.76 -4.41
CA PHE A 37 17.26 -17.37 -3.97
C PHE A 37 18.43 -16.73 -4.68
N VAL A 38 18.19 -15.60 -5.33
CA VAL A 38 19.25 -14.86 -6.02
C VAL A 38 19.44 -13.53 -5.33
N GLU A 39 20.67 -13.29 -4.85
CA GLU A 39 20.98 -12.06 -4.16
C GLU A 39 20.93 -10.86 -5.08
N VAL A 40 20.08 -9.89 -4.72
CA VAL A 40 20.07 -8.57 -5.33
C VAL A 40 20.10 -7.56 -4.18
N ASN A 41 21.26 -6.99 -3.94
CA ASN A 41 21.48 -6.13 -2.81
C ASN A 41 21.18 -4.70 -3.21
N THR A 42 20.01 -4.21 -2.83
CA THR A 42 19.56 -2.87 -3.18
C THR A 42 20.38 -1.81 -2.48
N ARG A 43 20.91 -2.12 -1.30
CA ARG A 43 21.75 -1.14 -0.62
C ARG A 43 23.03 -0.88 -1.43
N ALA A 44 23.47 -1.87 -2.22
CA ALA A 44 24.64 -1.72 -3.11
C ALA A 44 24.20 -1.37 -4.53
N LYS A 45 22.91 -1.04 -4.71
CA LYS A 45 22.34 -0.68 -6.02
C LYS A 45 22.45 -1.76 -7.10
N GLU A 46 22.45 -3.02 -6.69
CA GLU A 46 22.46 -4.13 -7.67
C GLU A 46 21.16 -4.23 -8.46
N ASN A 47 20.13 -3.56 -7.97
CA ASN A 47 18.83 -3.52 -8.61
C ASN A 47 18.75 -2.59 -9.82
N PHE A 48 19.88 -1.96 -10.18
CA PHE A 48 19.94 -1.12 -11.37
C PHE A 48 20.75 -1.73 -12.53
N SER A 49 21.06 -3.03 -12.44
CA SER A 49 21.64 -3.72 -13.58
C SER A 49 20.63 -3.76 -14.73
N GLU A 50 21.10 -3.81 -15.97
CA GLU A 50 20.19 -3.85 -17.11
C GLU A 50 19.32 -5.10 -17.01
N GLU A 51 19.93 -6.20 -16.57
CA GLU A 51 19.24 -7.48 -16.41
C GLU A 51 18.11 -7.37 -15.40
N PHE A 52 18.36 -6.70 -14.27
CA PHE A 52 17.30 -6.61 -13.25
C PHE A 52 16.19 -5.62 -13.64
N LEU A 53 16.55 -4.43 -14.15
CA LEU A 53 15.59 -3.49 -14.70
C LEU A 53 14.65 -4.10 -15.76
N LYS A 54 15.14 -5.03 -16.55
CA LYS A 54 14.29 -5.72 -17.53
C LYS A 54 13.25 -6.60 -16.83
N LYS A 55 13.68 -7.24 -15.74
CA LYS A 55 12.78 -8.06 -14.95
C LYS A 55 11.77 -7.23 -14.15
N ASN A 56 12.18 -6.06 -13.65
CA ASN A 56 11.31 -5.23 -12.83
C ASN A 56 11.62 -3.75 -13.02
N PRO A 57 10.86 -3.06 -13.88
CA PRO A 57 11.14 -1.63 -14.09
C PRO A 57 11.04 -0.74 -12.85
N GLN A 58 10.37 -1.20 -11.78
CA GLN A 58 10.33 -0.43 -10.52
C GLN A 58 11.62 -0.66 -9.70
N HIS A 59 12.48 -1.57 -10.15
CA HIS A 59 13.74 -1.89 -9.46
C HIS A 59 13.61 -2.06 -7.94
N THR A 60 12.62 -2.86 -7.55
CA THR A 60 12.41 -3.20 -6.15
C THR A 60 12.61 -4.68 -5.91
N VAL A 61 13.02 -4.96 -4.67
CA VAL A 61 13.01 -6.32 -4.14
C VAL A 61 11.95 -6.38 -3.06
N PRO A 62 11.24 -7.52 -2.95
CA PRO A 62 11.41 -8.73 -3.73
C PRO A 62 10.86 -8.69 -5.13
N THR A 63 11.48 -9.47 -6.01
CA THR A 63 10.91 -9.81 -7.30
C THR A 63 10.93 -11.34 -7.38
N LEU A 64 9.88 -11.92 -7.92
CA LEU A 64 9.75 -13.39 -8.07
C LEU A 64 9.69 -13.73 -9.55
N GLU A 65 10.41 -14.77 -9.96
CA GLU A 65 10.24 -15.35 -11.28
C GLU A 65 9.60 -16.69 -11.09
N ASP A 66 8.49 -16.89 -11.77
CA ASP A 66 7.79 -18.17 -11.78
C ASP A 66 7.46 -18.50 -13.21
N ASP A 67 8.06 -19.58 -13.70
CA ASP A 67 7.82 -20.05 -15.06
C ASP A 67 8.01 -18.93 -16.08
N GLY A 68 9.08 -18.15 -15.90
CA GLY A 68 9.46 -17.09 -16.83
C GLY A 68 8.74 -15.77 -16.67
N HIS A 69 7.75 -15.71 -15.76
CA HIS A 69 7.04 -14.48 -15.45
C HIS A 69 7.62 -13.78 -14.25
N TYR A 70 7.73 -12.46 -14.35
CA TYR A 70 8.24 -11.65 -13.25
C TYR A 70 7.12 -10.93 -12.52
N ILE A 71 7.08 -11.16 -11.22
CA ILE A 71 6.05 -10.58 -10.34
C ILE A 71 6.80 -9.82 -9.24
N TRP A 72 6.33 -8.62 -8.91
CA TRP A 72 6.94 -7.90 -7.82
C TRP A 72 5.88 -7.26 -6.94
N ASP A 73 6.38 -6.61 -5.87
CA ASP A 73 5.64 -6.18 -4.71
C ASP A 73 5.31 -7.41 -3.87
N SER A 74 5.88 -7.45 -2.66
CA SER A 74 5.71 -8.60 -1.79
C SER A 74 4.27 -9.00 -1.60
N HIS A 75 3.35 -8.03 -1.58
CA HIS A 75 1.93 -8.35 -1.31
C HIS A 75 1.30 -9.05 -2.49
N ALA A 76 1.65 -8.63 -3.69
CA ALA A 76 1.18 -9.30 -4.91
C ALA A 76 1.80 -10.66 -4.96
N ILE A 77 3.08 -10.75 -4.62
CA ILE A 77 3.78 -12.06 -4.66
C ILE A 77 3.15 -13.09 -3.70
N ILE A 78 2.96 -12.69 -2.45
CA ILE A 78 2.56 -13.67 -1.45
C ILE A 78 1.11 -14.11 -1.65
N ALA A 79 0.27 -13.21 -2.15
CA ALA A 79 -1.11 -13.54 -2.51
C ALA A 79 -1.06 -14.56 -3.64
N TYR A 80 -0.28 -14.28 -4.68
CA TYR A 80 -0.11 -15.16 -5.82
C TYR A 80 0.37 -16.53 -5.36
N LEU A 81 1.35 -16.55 -4.47
CA LEU A 81 1.91 -17.83 -4.00
C LEU A 81 0.90 -18.71 -3.31
N VAL A 82 0.12 -18.15 -2.41
CA VAL A 82 -0.90 -18.94 -1.72
C VAL A 82 -1.98 -19.38 -2.71
N SER A 83 -2.44 -18.48 -3.57
CA SER A 83 -3.46 -18.81 -4.54
C SER A 83 -3.01 -19.93 -5.47
N LYS A 84 -1.74 -19.90 -5.85
CA LYS A 84 -1.25 -20.90 -6.79
C LYS A 84 -0.91 -22.23 -6.12
N TYR A 85 -0.16 -22.15 -5.02
CA TYR A 85 0.48 -23.34 -4.41
C TYR A 85 -0.15 -23.83 -3.12
N GLY A 86 -1.00 -23.04 -2.50
CA GLY A 86 -1.63 -23.43 -1.24
C GLY A 86 -2.44 -24.70 -1.42
N LYS A 87 -2.22 -25.68 -0.56
CA LYS A 87 -3.08 -26.87 -0.55
C LYS A 87 -4.48 -26.57 -0.03
N THR A 88 -4.59 -25.63 0.89
CA THR A 88 -5.85 -25.01 1.25
C THR A 88 -5.65 -23.51 1.15
N ASP A 89 -6.74 -22.76 1.34
CA ASP A 89 -6.70 -21.30 1.33
C ASP A 89 -6.44 -20.67 2.71
N SER A 90 -5.95 -21.45 3.68
CA SER A 90 -5.83 -20.98 5.06
C SER A 90 -5.08 -19.65 5.17
N LEU A 91 -3.99 -19.55 4.42
CA LEU A 91 -3.12 -18.37 4.50
C LEU A 91 -3.66 -17.17 3.74
N TYR A 92 -4.62 -17.37 2.87
CA TYR A 92 -5.26 -16.27 2.10
C TYR A 92 -6.67 -16.72 1.72
N PRO A 93 -7.59 -16.61 2.68
CA PRO A 93 -8.95 -17.18 2.50
C PRO A 93 -9.64 -16.64 1.26
N LYS A 94 -10.31 -17.54 0.52
CA LYS A 94 -11.09 -17.17 -0.65
C LYS A 94 -12.43 -16.57 -0.29
N ASP A 95 -12.94 -16.82 0.93
CA ASP A 95 -14.14 -16.16 1.40
C ASP A 95 -14.00 -14.64 1.25
N LEU A 96 -14.93 -14.00 0.58
CA LEU A 96 -14.69 -12.62 0.13
C LEU A 96 -14.60 -11.62 1.29
N LEU A 97 -15.39 -11.84 2.33
CA LEU A 97 -15.32 -10.99 3.51
C LEU A 97 -14.00 -11.20 4.27
N GLN A 98 -13.58 -12.46 4.44
CA GLN A 98 -12.29 -12.70 5.12
C GLN A 98 -11.11 -12.18 4.29
N ARG A 99 -11.22 -12.33 2.99
CA ARG A 99 -10.19 -11.80 2.09
C ARG A 99 -10.13 -10.29 2.17
N ALA A 100 -11.27 -9.62 2.32
CA ALA A 100 -11.25 -8.15 2.41
C ALA A 100 -10.51 -7.65 3.65
N VAL A 101 -10.55 -8.41 4.74
CA VAL A 101 -9.76 -8.06 5.94
C VAL A 101 -8.28 -8.26 5.66
N VAL A 102 -7.91 -9.40 5.09
CA VAL A 102 -6.52 -9.65 4.77
C VAL A 102 -5.97 -8.61 3.80
N ASP A 103 -6.73 -8.32 2.73
CA ASP A 103 -6.29 -7.32 1.74
C ASP A 103 -6.14 -5.94 2.41
N GLN A 104 -7.08 -5.57 3.28
CA GLN A 104 -6.92 -4.30 4.01
C GLN A 104 -5.64 -4.30 4.81
N ARG A 105 -5.35 -5.38 5.52
CA ARG A 105 -4.14 -5.41 6.34
C ARG A 105 -2.87 -5.37 5.47
N LEU A 106 -2.89 -6.05 4.33
CA LEU A 106 -1.77 -6.00 3.37
C LEU A 106 -1.54 -4.56 2.85
N HIS A 107 -2.62 -3.89 2.46
CA HIS A 107 -2.54 -2.53 1.95
C HIS A 107 -2.13 -1.54 3.04
N PHE A 108 -2.57 -1.81 4.27
CA PHE A 108 -2.12 -1.06 5.45
C PHE A 108 -0.59 -1.16 5.57
N GLU A 109 -0.07 -2.37 5.42
CA GLU A 109 1.37 -2.56 5.47
C GLU A 109 2.10 -1.82 4.33
N SER A 110 1.57 -1.87 3.11
CA SER A 110 2.22 -1.16 2.00
C SER A 110 2.36 0.32 2.29
N GLY A 111 1.30 0.93 2.80
CA GLY A 111 1.26 2.39 2.92
C GLY A 111 1.63 2.92 4.29
N VAL A 112 0.77 2.64 5.25
CA VAL A 112 0.97 3.19 6.60
C VAL A 112 2.23 2.64 7.25
N ILE A 113 2.58 1.38 6.98
CA ILE A 113 3.76 0.81 7.61
C ILE A 113 5.02 1.02 6.77
N PHE A 114 5.14 0.30 5.66
CA PHE A 114 6.38 0.35 4.91
C PHE A 114 6.70 1.74 4.36
N ALA A 115 5.78 2.32 3.61
CA ALA A 115 6.08 3.60 3.02
C ALA A 115 6.17 4.73 4.04
N ASN A 116 5.17 4.84 4.91
CA ASN A 116 5.11 6.01 5.82
C ASN A 116 6.01 5.88 7.05
N ALA A 117 6.20 4.67 7.55
CA ALA A 117 6.97 4.49 8.78
C ALA A 117 8.40 4.00 8.62
N LEU A 118 8.64 3.07 7.70
CA LEU A 118 9.98 2.51 7.58
C LEU A 118 10.82 3.20 6.50
N ARG A 119 10.37 3.15 5.26
CA ARG A 119 11.18 3.65 4.14
C ARG A 119 11.36 5.17 4.19
N SER A 120 10.41 5.87 4.81
CA SER A 120 10.50 7.29 5.06
C SER A 120 11.73 7.63 5.92
N ILE A 121 12.19 6.67 6.71
CA ILE A 121 13.40 6.85 7.51
C ILE A 121 14.60 6.26 6.78
N THR A 122 14.48 5.05 6.25
CA THR A 122 15.68 4.37 5.76
C THR A 122 16.23 4.98 4.49
N LYS A 123 15.37 5.51 3.63
CA LYS A 123 15.85 6.08 2.38
C LYS A 123 16.82 7.23 2.63
N PRO A 124 16.40 8.26 3.41
CA PRO A 124 17.35 9.35 3.67
C PRO A 124 18.50 8.87 4.57
N LEU A 125 18.24 7.94 5.47
CA LEU A 125 19.31 7.48 6.36
C LEU A 125 20.43 6.82 5.57
N PHE A 126 20.07 5.84 4.74
CA PHE A 126 21.05 5.07 3.95
C PHE A 126 21.73 5.91 2.86
N ALA A 127 21.10 7.04 2.52
CA ALA A 127 21.65 8.00 1.53
C ALA A 127 22.62 8.97 2.18
N GLY A 128 22.84 8.82 3.48
CA GLY A 128 23.76 9.67 4.23
C GLY A 128 23.23 11.05 4.55
N LYS A 129 21.92 11.24 4.37
CA LYS A 129 21.32 12.56 4.50
C LYS A 129 21.17 12.90 5.97
N GLN A 130 20.07 12.49 6.58
CA GLN A 130 19.75 12.97 7.91
C GLN A 130 20.18 11.98 8.98
N THR A 131 20.81 12.51 10.02
CA THR A 131 21.08 11.73 11.22
C THR A 131 20.02 12.06 12.28
N MET A 132 19.56 13.31 12.28
CA MET A 132 18.48 13.77 13.17
C MET A 132 17.11 13.62 12.49
N ILE A 133 16.36 12.62 12.92
CA ILE A 133 15.14 12.23 12.22
C ILE A 133 13.98 13.05 12.75
N PRO A 134 13.17 13.63 11.86
CA PRO A 134 12.06 14.43 12.35
C PRO A 134 11.13 13.67 13.25
N LYS A 135 10.54 14.38 14.20
CA LYS A 135 9.67 13.75 15.17
C LYS A 135 8.44 13.10 14.53
N GLU A 136 7.99 13.63 13.40
CA GLU A 136 6.84 13.04 12.68
C GLU A 136 7.12 11.60 12.33
N ARG A 137 8.39 11.26 12.18
CA ARG A 137 8.77 9.90 11.79
C ARG A 137 8.70 8.96 13.01
N TYR A 138 8.95 9.49 14.20
CA TYR A 138 8.71 8.75 15.42
C TYR A 138 7.21 8.53 15.60
N ASP A 139 6.43 9.57 15.41
CA ASP A 139 4.97 9.51 15.53
C ASP A 139 4.41 8.45 14.59
N ALA A 140 4.94 8.38 13.36
CA ALA A 140 4.48 7.41 12.37
C ALA A 140 4.64 5.97 12.85
N ILE A 141 5.70 5.70 13.61
CA ILE A 141 5.91 4.35 14.13
C ILE A 141 4.94 4.05 15.27
N ILE A 142 4.83 4.98 16.23
CA ILE A 142 3.86 4.85 17.31
C ILE A 142 2.42 4.63 16.78
N GLU A 143 2.08 5.33 15.70
CA GLU A 143 0.76 5.16 15.09
C GLU A 143 0.55 3.76 14.54
N VAL A 144 1.59 3.18 13.96
CA VAL A 144 1.51 1.78 13.54
C VAL A 144 1.23 0.85 14.72
N TYR A 145 1.94 1.06 15.83
CA TYR A 145 1.76 0.20 16.97
C TYR A 145 0.38 0.34 17.55
N ASP A 146 -0.11 1.58 17.66
CA ASP A 146 -1.46 1.81 18.17
C ASP A 146 -2.50 1.12 17.30
N PHE A 147 -2.38 1.24 15.98
CA PHE A 147 -3.36 0.59 15.09
C PHE A 147 -3.23 -0.92 15.15
N LEU A 148 -2.00 -1.45 15.17
CA LEU A 148 -1.82 -2.89 15.15
C LEU A 148 -2.37 -3.52 16.42
N GLU A 149 -2.14 -2.86 17.54
CA GLU A 149 -2.69 -3.35 18.80
C GLU A 149 -4.23 -3.42 18.72
N LYS A 150 -4.85 -2.38 18.14
CA LYS A 150 -6.30 -2.36 17.97
C LYS A 150 -6.79 -3.45 17.02
N PHE A 151 -6.06 -3.65 15.92
CA PHE A 151 -6.41 -4.66 14.93
C PHE A 151 -6.35 -6.08 15.50
N LEU A 152 -5.34 -6.33 16.31
CA LEU A 152 -5.16 -7.66 16.92
C LEU A 152 -6.32 -7.97 17.84
N ALA A 153 -6.77 -6.97 18.60
CA ALA A 153 -7.93 -7.13 19.47
C ALA A 153 -7.76 -8.42 20.31
N GLY A 154 -8.74 -9.32 20.28
CA GLY A 154 -8.64 -10.57 21.02
C GLY A 154 -8.16 -11.75 20.21
N ASN A 155 -7.83 -11.49 18.95
CA ASN A 155 -7.47 -12.56 18.00
C ASN A 155 -6.00 -12.90 18.10
N ASP A 156 -5.66 -14.13 17.75
CA ASP A 156 -4.25 -14.58 17.75
C ASP A 156 -3.46 -13.97 16.60
N TYR A 157 -4.15 -13.58 15.52
CA TYR A 157 -3.47 -13.10 14.31
C TYR A 157 -4.06 -11.78 13.83
N VAL A 158 -3.39 -11.16 12.87
CA VAL A 158 -3.73 -9.79 12.51
C VAL A 158 -5.05 -9.62 11.78
N ALA A 159 -5.49 -10.66 11.07
CA ALA A 159 -6.72 -10.56 10.29
C ALA A 159 -7.81 -11.47 10.81
N GLY A 160 -7.61 -12.03 11.99
CA GLY A 160 -8.55 -13.03 12.54
C GLY A 160 -7.85 -14.07 13.37
N ASN A 161 -8.51 -15.21 13.56
CA ASN A 161 -7.92 -16.24 14.41
C ASN A 161 -7.11 -17.27 13.65
N GLN A 162 -6.87 -17.03 12.36
CA GLN A 162 -5.98 -17.90 11.61
C GLN A 162 -4.79 -17.11 11.05
N LEU A 163 -3.64 -17.75 11.04
CA LEU A 163 -2.43 -17.19 10.42
C LEU A 163 -2.65 -16.90 8.93
N THR A 164 -2.27 -15.70 8.47
CA THR A 164 -2.39 -15.38 7.07
C THR A 164 -1.17 -14.63 6.56
N ILE A 165 -1.11 -14.46 5.25
CA ILE A 165 -0.07 -13.63 4.68
C ILE A 165 0.01 -12.23 5.26
N ALA A 166 -1.09 -11.71 5.78
CA ALA A 166 -1.04 -10.39 6.44
C ALA A 166 -0.11 -10.41 7.67
N ASP A 167 -0.05 -11.52 8.39
CA ASP A 167 0.85 -11.62 9.54
C ASP A 167 2.30 -11.56 9.06
N PHE A 168 2.58 -12.26 7.96
CA PHE A 168 3.94 -12.30 7.43
C PHE A 168 4.37 -10.93 6.94
N SER A 169 3.50 -10.25 6.22
CA SER A 169 3.80 -8.91 5.76
C SER A 169 4.06 -7.97 6.93
N ILE A 170 3.15 -7.95 7.88
CA ILE A 170 3.26 -6.99 8.99
C ILE A 170 4.42 -7.29 9.95
N ILE A 171 4.69 -8.55 10.23
CA ILE A 171 5.81 -8.83 11.11
C ILE A 171 7.14 -8.44 10.44
N SER A 172 7.22 -8.56 9.11
CA SER A 172 8.45 -8.26 8.41
C SER A 172 8.89 -6.81 8.67
N THR A 173 7.94 -5.89 8.62
CA THR A 173 8.29 -4.50 8.91
C THR A 173 8.28 -4.17 10.40
N VAL A 174 7.32 -4.69 11.17
CA VAL A 174 7.29 -4.35 12.61
C VAL A 174 8.58 -4.84 13.30
N SER A 175 9.08 -6.00 12.91
CA SER A 175 10.31 -6.50 13.50
C SER A 175 11.48 -5.56 13.24
N SER A 176 11.42 -4.80 12.15
CA SER A 176 12.46 -3.82 11.83
C SER A 176 12.19 -2.43 12.36
N LEU A 177 10.93 -2.06 12.53
CA LEU A 177 10.64 -0.76 13.17
C LEU A 177 11.15 -0.69 14.60
N GLU A 178 11.25 -1.84 15.26
CA GLU A 178 11.75 -1.89 16.62
C GLU A 178 13.15 -1.39 16.80
N VAL A 179 13.95 -1.42 15.72
CA VAL A 179 15.27 -0.83 15.77
C VAL A 179 15.21 0.66 16.11
N PHE A 180 14.19 1.35 15.61
CA PHE A 180 14.03 2.78 15.80
C PHE A 180 13.26 3.08 17.06
N VAL A 181 12.18 2.33 17.30
CA VAL A 181 11.35 2.51 18.49
C VAL A 181 10.94 1.12 19.00
N LYS A 182 11.46 0.70 20.15
CA LYS A 182 11.10 -0.61 20.69
C LYS A 182 9.61 -0.64 20.99
N VAL A 183 8.97 -1.77 20.74
CA VAL A 183 7.60 -2.01 21.20
C VAL A 183 7.61 -2.17 22.71
N ASP A 184 6.93 -1.26 23.41
CA ASP A 184 6.74 -1.35 24.88
C ASP A 184 5.75 -2.46 25.14
N THR A 185 6.22 -3.60 25.63
CA THR A 185 5.37 -4.78 25.77
C THR A 185 4.35 -4.62 26.90
N THR A 186 4.54 -3.66 27.78
CA THR A 186 3.54 -3.38 28.80
C THR A 186 2.37 -2.64 28.19
N LYS A 187 2.69 -1.66 27.33
CA LYS A 187 1.71 -0.84 26.63
C LYS A 187 1.01 -1.58 25.50
N TYR A 188 1.75 -2.48 24.85
CA TYR A 188 1.25 -3.22 23.69
C TYR A 188 1.31 -4.72 23.94
N PRO A 189 0.50 -5.20 24.88
CA PRO A 189 0.56 -6.63 25.18
C PRO A 189 0.12 -7.55 24.04
N ARG A 190 -0.82 -7.11 23.22
CA ARG A 190 -1.27 -7.94 22.12
C ARG A 190 -0.19 -8.05 21.05
N ILE A 191 0.48 -6.94 20.72
CA ILE A 191 1.60 -7.04 19.78
C ILE A 191 2.66 -7.98 20.34
N ALA A 192 2.99 -7.82 21.63
CA ALA A 192 4.01 -8.63 22.24
C ALA A 192 3.67 -10.13 22.14
N ALA A 193 2.42 -10.49 22.44
CA ALA A 193 2.00 -11.89 22.42
C ALA A 193 1.96 -12.44 20.97
N TRP A 194 1.59 -11.57 20.04
CA TRP A 194 1.54 -11.96 18.63
C TRP A 194 2.94 -12.22 18.07
N PHE A 195 3.88 -11.34 18.41
CA PHE A 195 5.28 -11.53 18.07
C PHE A 195 5.77 -12.88 18.60
N LYS A 196 5.48 -13.21 19.85
CA LYS A 196 5.94 -14.50 20.39
C LYS A 196 5.34 -15.70 19.68
N ARG A 197 4.07 -15.57 19.32
CA ARG A 197 3.34 -16.60 18.61
C ARG A 197 4.03 -16.89 17.25
N LEU A 198 4.37 -15.83 16.51
CA LEU A 198 5.01 -16.01 15.22
C LEU A 198 6.43 -16.55 15.38
N GLN A 199 7.11 -16.13 16.44
CA GLN A 199 8.50 -16.58 16.69
C GLN A 199 8.59 -18.07 16.93
N LYS A 200 7.51 -18.66 17.40
CA LYS A 200 7.41 -20.12 17.58
C LYS A 200 7.33 -20.92 16.29
N LEU A 201 6.98 -20.28 15.18
CA LEU A 201 6.91 -21.00 13.92
C LEU A 201 8.30 -21.54 13.63
N PRO A 202 8.39 -22.79 13.19
CA PRO A 202 9.74 -23.41 13.07
C PRO A 202 10.64 -22.71 12.04
N TYR A 203 10.00 -22.05 11.06
CA TYR A 203 10.73 -21.35 10.00
C TYR A 203 10.91 -19.85 10.29
N TYR A 204 10.48 -19.39 11.45
CA TYR A 204 10.56 -17.94 11.77
C TYR A 204 11.97 -17.40 11.63
N GLU A 205 12.96 -18.05 12.23
CA GLU A 205 14.29 -17.43 12.27
C GLU A 205 14.94 -17.42 10.89
N GLU A 206 14.83 -18.50 10.14
CA GLU A 206 15.38 -18.59 8.80
C GLU A 206 14.69 -17.56 7.89
N ALA A 207 13.38 -17.41 8.03
CA ALA A 207 12.62 -16.61 7.05
C ALA A 207 12.62 -15.14 7.41
N ASN A 208 12.47 -14.81 8.69
CA ASN A 208 12.46 -13.41 9.09
C ASN A 208 13.56 -12.99 10.06
N GLY A 209 13.84 -13.83 11.06
CA GLY A 209 14.75 -13.41 12.11
C GLY A 209 16.15 -13.03 11.63
N ASN A 210 16.70 -13.81 10.71
CA ASN A 210 18.07 -13.60 10.26
C ASN A 210 18.18 -12.27 9.53
N GLY A 211 17.26 -12.04 8.62
CA GLY A 211 17.24 -10.77 7.87
C GLY A 211 16.96 -9.57 8.74
N ALA A 212 16.08 -9.72 9.73
CA ALA A 212 15.84 -8.63 10.67
C ALA A 212 17.12 -8.27 11.38
N ARG A 213 17.91 -9.28 11.77
CA ARG A 213 19.18 -8.97 12.43
C ARG A 213 20.14 -8.27 11.50
N THR A 214 20.19 -8.67 10.24
CA THR A 214 21.09 -8.02 9.28
C THR A 214 20.67 -6.57 9.05
N PHE A 215 19.38 -6.35 8.89
CA PHE A 215 18.87 -5.00 8.68
C PHE A 215 19.20 -4.12 9.88
N GLU A 216 19.02 -4.65 11.09
CA GLU A 216 19.34 -3.93 12.32
C GLU A 216 20.82 -3.52 12.31
N SER A 217 21.67 -4.45 11.89
CA SER A 217 23.11 -4.19 11.79
C SER A 217 23.37 -3.02 10.84
N PHE A 218 22.68 -2.96 9.70
CA PHE A 218 22.82 -1.81 8.77
C PHE A 218 22.47 -0.51 9.47
N ILE A 219 21.33 -0.50 10.18
CA ILE A 219 20.81 0.71 10.75
C ILE A 219 21.74 1.22 11.83
N ARG A 220 22.32 0.29 12.60
CA ARG A 220 23.19 0.68 13.70
C ARG A 220 24.58 1.12 13.27
N GLU A 221 24.89 1.03 11.97
CA GLU A 221 26.04 1.72 11.42
C GLU A 221 25.88 3.25 11.55
N TYR A 222 24.64 3.73 11.68
CA TYR A 222 24.38 5.17 11.71
C TYR A 222 24.12 5.66 13.12
N ASN A 223 24.44 6.93 13.37
CA ASN A 223 24.25 7.50 14.70
C ASN A 223 22.97 8.33 14.77
N PHE A 224 21.83 7.66 14.65
CA PHE A 224 20.58 8.38 14.49
C PHE A 224 20.04 8.84 15.85
N THR A 225 19.40 10.00 15.83
CA THR A 225 18.57 10.46 16.94
C THR A 225 17.30 11.04 16.37
N PHE A 226 16.29 11.19 17.22
CA PHE A 226 15.07 11.85 16.81
C PHE A 226 15.05 13.28 17.32
N ALA A 227 14.57 14.18 16.47
CA ALA A 227 14.31 15.56 16.87
C ALA A 227 13.07 15.64 17.76
N SER A 228 12.98 16.77 18.47
CA SER A 228 11.74 17.12 19.15
C SER A 228 10.78 17.76 18.16
N ASN A 229 9.57 18.05 18.61
CA ASN A 229 8.68 18.94 17.84
C ASN A 229 9.10 20.40 17.96
N MET B 7 -30.66 -8.80 0.57
CA MET B 7 -29.38 -8.02 0.56
C MET B 7 -29.67 -6.52 0.54
N PRO B 8 -29.41 -5.82 1.66
CA PRO B 8 -29.59 -4.36 1.68
C PRO B 8 -28.62 -3.68 0.71
N LYS B 9 -28.92 -2.45 0.33
CA LYS B 9 -28.04 -1.78 -0.60
C LYS B 9 -26.77 -1.32 0.12
N LEU B 10 -25.70 -1.21 -0.66
CA LEU B 10 -24.39 -0.89 -0.11
C LEU B 10 -24.37 0.54 0.35
N ILE B 11 -23.49 0.82 1.30
CA ILE B 11 -23.28 2.19 1.79
C ILE B 11 -21.80 2.53 1.70
N LEU B 12 -21.52 3.65 1.07
CA LEU B 12 -20.16 4.18 0.95
C LEU B 12 -20.05 5.41 1.83
N TYR B 13 -19.10 5.40 2.75
CA TYR B 13 -18.79 6.52 3.64
C TYR B 13 -17.57 7.29 3.16
N GLY B 14 -17.69 8.61 3.05
CA GLY B 14 -16.54 9.44 2.72
C GLY B 14 -16.92 10.82 2.23
N LEU B 15 -16.00 11.45 1.51
CA LEU B 15 -16.28 12.70 0.80
C LEU B 15 -15.71 12.57 -0.58
N GLU B 16 -16.40 13.14 -1.56
CA GLU B 16 -15.95 13.13 -2.97
C GLU B 16 -14.53 13.65 -3.15
N ALA B 17 -14.13 14.64 -2.36
CA ALA B 17 -12.79 15.18 -2.51
C ALA B 17 -11.70 14.15 -2.27
N SER B 18 -11.97 13.10 -1.50
CA SER B 18 -10.95 12.13 -1.15
C SER B 18 -10.62 11.15 -2.28
N PRO B 19 -9.35 11.11 -2.73
CA PRO B 19 -8.98 10.21 -3.84
C PRO B 19 -9.43 8.75 -3.66
N PRO B 20 -9.14 8.13 -2.49
CA PRO B 20 -9.51 6.71 -2.41
C PRO B 20 -11.02 6.49 -2.39
N VAL B 21 -11.79 7.49 -1.96
CA VAL B 21 -13.25 7.40 -2.04
C VAL B 21 -13.68 7.36 -3.52
N ARG B 22 -13.04 8.19 -4.33
CA ARG B 22 -13.35 8.25 -5.76
C ARG B 22 -12.95 6.96 -6.46
N ALA B 23 -11.91 6.29 -5.99
CA ALA B 23 -11.56 4.97 -6.53
C ALA B 23 -12.73 4.02 -6.38
N VAL B 24 -13.40 4.08 -5.24
CA VAL B 24 -14.56 3.24 -4.98
C VAL B 24 -15.76 3.71 -5.82
N LYS B 25 -15.97 5.02 -5.90
CA LYS B 25 -17.07 5.54 -6.77
C LYS B 25 -16.91 5.08 -8.20
N LEU B 26 -15.68 5.10 -8.71
CA LEU B 26 -15.41 4.62 -10.06
C LEU B 26 -15.78 3.17 -10.23
N THR B 27 -15.39 2.37 -9.27
CA THR B 27 -15.66 0.94 -9.30
C THR B 27 -17.15 0.66 -9.24
N LEU B 28 -17.84 1.31 -8.32
CA LEU B 28 -19.30 1.11 -8.21
C LEU B 28 -20.01 1.51 -9.50
N ALA B 29 -19.58 2.59 -10.14
CA ALA B 29 -20.17 3.01 -11.41
C ALA B 29 -19.92 2.00 -12.50
N ALA B 30 -18.68 1.53 -12.59
CA ALA B 30 -18.31 0.55 -13.63
C ALA B 30 -19.10 -0.74 -13.50
N LEU B 31 -19.37 -1.12 -12.25
CA LEU B 31 -20.15 -2.31 -11.94
C LEU B 31 -21.65 -2.11 -12.02
N GLU B 32 -22.07 -0.85 -12.10
CA GLU B 32 -23.50 -0.47 -12.13
C GLU B 32 -24.21 -1.02 -10.90
N VAL B 33 -23.56 -0.90 -9.75
CA VAL B 33 -24.11 -1.35 -8.47
C VAL B 33 -24.68 -0.14 -7.76
N PRO B 34 -25.99 -0.15 -7.45
CA PRO B 34 -26.55 0.98 -6.68
C PRO B 34 -25.98 1.05 -5.26
N TYR B 35 -25.89 2.26 -4.72
CA TYR B 35 -25.42 2.43 -3.36
C TYR B 35 -25.87 3.75 -2.79
N GLU B 36 -25.82 3.84 -1.46
CA GLU B 36 -26.01 5.10 -0.76
C GLU B 36 -24.66 5.71 -0.43
N PHE B 37 -24.53 7.00 -0.64
CA PHE B 37 -23.34 7.74 -0.26
C PHE B 37 -23.62 8.53 1.00
N VAL B 38 -22.84 8.30 2.05
CA VAL B 38 -23.03 9.00 3.31
C VAL B 38 -21.78 9.81 3.55
N GLU B 39 -21.94 11.12 3.67
CA GLU B 39 -20.82 12.01 3.87
C GLU B 39 -20.22 11.85 5.25
N VAL B 40 -18.90 11.66 5.26
CA VAL B 40 -18.08 11.68 6.45
C VAL B 40 -16.95 12.65 6.15
N ASN B 41 -17.04 13.82 6.73
CA ASN B 41 -16.11 14.91 6.45
C ASN B 41 -14.90 14.82 7.35
N THR B 42 -13.82 14.31 6.79
CA THR B 42 -12.60 14.09 7.56
C THR B 42 -11.96 15.42 7.96
N ARG B 43 -12.25 16.48 7.22
CA ARG B 43 -11.67 17.79 7.52
C ARG B 43 -12.27 18.33 8.81
N ALA B 44 -13.51 17.92 9.11
CA ALA B 44 -14.19 18.30 10.37
C ALA B 44 -14.13 17.16 11.41
N LYS B 45 -13.24 16.20 11.17
CA LYS B 45 -12.99 15.08 12.10
C LYS B 45 -14.20 14.18 12.35
N GLU B 46 -15.10 14.09 11.38
CA GLU B 46 -16.31 13.28 11.54
C GLU B 46 -15.98 11.79 11.56
N ASN B 47 -14.82 11.45 11.03
CA ASN B 47 -14.29 10.11 11.09
C ASN B 47 -13.85 9.67 12.49
N PHE B 48 -13.89 10.58 13.46
CA PHE B 48 -13.52 10.26 14.84
C PHE B 48 -14.76 10.08 15.71
N SER B 49 -15.95 10.13 15.11
CA SER B 49 -17.17 9.86 15.84
C SER B 49 -17.06 8.46 16.40
N GLU B 50 -17.54 8.24 17.61
CA GLU B 50 -17.48 6.91 18.19
C GLU B 50 -18.20 5.85 17.34
N GLU B 51 -19.29 6.24 16.70
CA GLU B 51 -20.02 5.34 15.80
C GLU B 51 -19.16 4.97 14.61
N PHE B 52 -18.41 5.94 14.08
CA PHE B 52 -17.57 5.65 12.92
C PHE B 52 -16.38 4.79 13.30
N LEU B 53 -15.79 5.03 14.45
CA LEU B 53 -14.70 4.20 14.94
C LEU B 53 -15.10 2.72 15.11
N LYS B 54 -16.34 2.48 15.50
CA LYS B 54 -16.86 1.10 15.59
C LYS B 54 -16.82 0.43 14.24
N LYS B 55 -17.15 1.20 13.21
CA LYS B 55 -17.16 0.66 11.84
C LYS B 55 -15.75 0.50 11.28
N ASN B 56 -14.86 1.42 11.62
CA ASN B 56 -13.48 1.42 11.10
C ASN B 56 -12.54 2.00 12.14
N PRO B 57 -11.86 1.13 12.91
CA PRO B 57 -10.95 1.68 13.94
C PRO B 57 -9.76 2.46 13.39
N GLN B 58 -9.44 2.28 12.12
CA GLN B 58 -8.41 3.11 11.48
C GLN B 58 -8.90 4.52 11.16
N HIS B 59 -10.20 4.75 11.28
CA HIS B 59 -10.83 6.04 11.00
C HIS B 59 -10.43 6.67 9.68
N THR B 60 -10.48 5.85 8.65
CA THR B 60 -10.23 6.35 7.29
C THR B 60 -11.47 6.28 6.42
N VAL B 61 -11.51 7.17 5.43
CA VAL B 61 -12.46 7.03 4.33
C VAL B 61 -11.68 6.64 3.08
N PRO B 62 -12.23 5.77 2.21
CA PRO B 62 -13.57 5.20 2.28
C PRO B 62 -13.71 4.07 3.26
N THR B 63 -14.92 3.94 3.78
CA THR B 63 -15.38 2.74 4.45
C THR B 63 -16.66 2.31 3.75
N LEU B 64 -16.87 1.00 3.61
CA LEU B 64 -18.05 0.47 2.93
C LEU B 64 -18.82 -0.45 3.86
N GLU B 65 -20.14 -0.31 3.91
CA GLU B 65 -20.99 -1.32 4.54
C GLU B 65 -21.63 -2.18 3.49
N ASP B 66 -21.54 -3.50 3.70
CA ASP B 66 -22.31 -4.47 2.94
C ASP B 66 -22.99 -5.40 3.94
N ASP B 67 -24.30 -5.17 4.12
CA ASP B 67 -25.16 -5.97 5.00
C ASP B 67 -24.59 -6.19 6.39
N GLY B 68 -24.26 -5.10 7.05
CA GLY B 68 -23.75 -5.16 8.39
C GLY B 68 -22.29 -5.46 8.58
N HIS B 69 -21.57 -5.69 7.47
CA HIS B 69 -20.14 -5.86 7.53
C HIS B 69 -19.49 -4.60 7.04
N TYR B 70 -18.44 -4.19 7.72
CA TYR B 70 -17.67 -3.00 7.37
C TYR B 70 -16.31 -3.34 6.82
N ILE B 71 -16.01 -2.81 5.64
CA ILE B 71 -14.75 -3.03 4.92
C ILE B 71 -14.15 -1.67 4.69
N TRP B 72 -12.84 -1.55 4.85
CA TRP B 72 -12.16 -0.31 4.55
C TRP B 72 -10.85 -0.58 3.81
N ASP B 73 -10.22 0.51 3.41
CA ASP B 73 -9.12 0.59 2.44
C ASP B 73 -9.71 0.45 1.04
N SER B 74 -9.56 1.50 0.24
CA SER B 74 -10.17 1.51 -1.08
C SER B 74 -9.80 0.32 -1.92
N HIS B 75 -8.58 -0.19 -1.72
CA HIS B 75 -8.08 -1.29 -2.53
C HIS B 75 -8.75 -2.60 -2.14
N ALA B 76 -8.88 -2.82 -0.83
CA ALA B 76 -9.62 -4.00 -0.33
C ALA B 76 -11.08 -3.91 -0.79
N ILE B 77 -11.67 -2.71 -0.71
CA ILE B 77 -13.07 -2.51 -1.12
C ILE B 77 -13.29 -2.81 -2.59
N ILE B 78 -12.47 -2.24 -3.47
CA ILE B 78 -12.78 -2.37 -4.88
C ILE B 78 -12.49 -3.79 -5.39
N ALA B 79 -11.50 -4.47 -4.82
CA ALA B 79 -11.29 -5.90 -5.11
C ALA B 79 -12.54 -6.70 -4.68
N TYR B 80 -13.01 -6.46 -3.46
CA TYR B 80 -14.21 -7.13 -2.93
C TYR B 80 -15.42 -6.88 -3.85
N LEU B 81 -15.59 -5.63 -4.27
CA LEU B 81 -16.76 -5.29 -5.05
C LEU B 81 -16.79 -6.03 -6.36
N VAL B 82 -15.68 -6.04 -7.07
CA VAL B 82 -15.63 -6.77 -8.33
C VAL B 82 -15.82 -8.26 -8.11
N SER B 83 -15.10 -8.81 -7.13
CA SER B 83 -15.19 -10.24 -6.83
C SER B 83 -16.59 -10.67 -6.44
N LYS B 84 -17.30 -9.80 -5.72
CA LYS B 84 -18.66 -10.12 -5.31
C LYS B 84 -19.73 -9.85 -6.39
N TYR B 85 -19.66 -8.70 -7.04
CA TYR B 85 -20.76 -8.15 -7.86
C TYR B 85 -20.48 -8.03 -9.33
N GLY B 86 -19.23 -8.15 -9.79
CA GLY B 86 -18.93 -8.12 -11.22
C GLY B 86 -19.63 -9.26 -11.94
N LYS B 87 -20.33 -8.95 -13.03
CA LYS B 87 -20.95 -10.00 -13.83
C LYS B 87 -19.88 -10.98 -14.26
N THR B 88 -18.78 -10.43 -14.75
CA THR B 88 -17.54 -11.20 -14.97
C THR B 88 -16.39 -10.56 -14.18
N ASP B 89 -15.24 -11.21 -14.23
CA ASP B 89 -14.03 -10.72 -13.54
C ASP B 89 -13.21 -9.72 -14.34
N SER B 90 -13.76 -9.12 -15.39
CA SER B 90 -13.02 -8.24 -16.27
C SER B 90 -12.21 -7.16 -15.53
N LEU B 91 -12.82 -6.54 -14.52
CA LEU B 91 -12.14 -5.45 -13.81
C LEU B 91 -11.15 -5.93 -12.77
N TYR B 92 -11.17 -7.21 -12.42
CA TYR B 92 -10.23 -7.78 -11.45
C TYR B 92 -10.10 -9.25 -11.78
N PRO B 93 -9.30 -9.56 -12.81
CA PRO B 93 -9.23 -10.94 -13.31
C PRO B 93 -8.84 -11.97 -12.26
N LYS B 94 -9.51 -13.12 -12.30
CA LYS B 94 -9.18 -14.25 -11.42
C LYS B 94 -7.91 -14.97 -11.86
N ASP B 95 -7.55 -14.88 -13.15
CA ASP B 95 -6.31 -15.42 -13.64
C ASP B 95 -5.19 -14.94 -12.73
N LEU B 96 -4.40 -15.86 -12.20
CA LEU B 96 -3.49 -15.48 -11.13
C LEU B 96 -2.36 -14.54 -11.60
N LEU B 97 -1.82 -14.72 -12.80
CA LEU B 97 -0.79 -13.82 -13.29
C LEU B 97 -1.35 -12.43 -13.55
N GLN B 98 -2.51 -12.35 -14.18
CA GLN B 98 -3.13 -11.05 -14.40
C GLN B 98 -3.46 -10.37 -13.09
N ARG B 99 -3.96 -11.14 -12.12
CA ARG B 99 -4.28 -10.60 -10.81
C ARG B 99 -3.03 -10.08 -10.12
N ALA B 100 -1.89 -10.76 -10.33
CA ALA B 100 -0.65 -10.33 -9.71
C ALA B 100 -0.18 -9.00 -10.23
N VAL B 101 -0.43 -8.69 -11.51
CA VAL B 101 -0.09 -7.34 -12.01
C VAL B 101 -1.03 -6.31 -11.38
N VAL B 102 -2.32 -6.62 -11.37
CA VAL B 102 -3.28 -5.67 -10.81
C VAL B 102 -2.97 -5.43 -9.33
N ASP B 103 -2.77 -6.51 -8.56
CA ASP B 103 -2.42 -6.37 -7.13
C ASP B 103 -1.13 -5.55 -6.96
N GLN B 104 -0.11 -5.75 -7.79
CA GLN B 104 1.10 -4.94 -7.69
C GLN B 104 0.80 -3.47 -7.89
N ARG B 105 -0.02 -3.17 -8.90
CA ARG B 105 -0.37 -1.79 -9.20
C ARG B 105 -1.18 -1.18 -8.05
N LEU B 106 -2.09 -1.95 -7.46
CA LEU B 106 -2.87 -1.45 -6.32
C LEU B 106 -1.97 -1.15 -5.12
N HIS B 107 -1.06 -2.07 -4.83
CA HIS B 107 -0.12 -1.89 -3.71
C HIS B 107 0.89 -0.74 -3.93
N PHE B 108 1.31 -0.59 -5.16
CA PHE B 108 2.07 0.58 -5.61
C PHE B 108 1.32 1.87 -5.27
N GLU B 109 0.04 1.89 -5.58
CA GLU B 109 -0.78 3.06 -5.30
C GLU B 109 -0.85 3.30 -3.77
N SER B 110 -1.07 2.24 -3.00
CA SER B 110 -1.14 2.40 -1.53
C SER B 110 0.09 3.07 -0.93
N GLY B 111 1.27 2.64 -1.37
CA GLY B 111 2.52 3.06 -0.72
C GLY B 111 3.21 4.16 -1.48
N VAL B 112 3.73 3.84 -2.66
CA VAL B 112 4.52 4.80 -3.41
C VAL B 112 3.69 6.05 -3.78
N ILE B 113 2.41 5.88 -4.11
CA ILE B 113 1.60 7.02 -4.53
C ILE B 113 0.91 7.68 -3.34
N PHE B 114 -0.08 7.03 -2.74
CA PHE B 114 -0.89 7.72 -1.74
C PHE B 114 -0.10 8.08 -0.50
N ALA B 115 0.52 7.09 0.14
CA ALA B 115 1.27 7.40 1.37
C ALA B 115 2.50 8.28 1.12
N ASN B 116 3.33 7.92 0.16
CA ASN B 116 4.64 8.59 0.00
C ASN B 116 4.56 9.90 -0.75
N ALA B 117 3.63 10.04 -1.70
CA ALA B 117 3.58 11.24 -2.55
C ALA B 117 2.46 12.20 -2.21
N LEU B 118 1.27 11.70 -1.86
CA LEU B 118 0.14 12.57 -1.58
C LEU B 118 -0.05 12.91 -0.10
N ARG B 119 -0.30 11.91 0.74
CA ARG B 119 -0.60 12.16 2.16
C ARG B 119 0.58 12.77 2.91
N SER B 120 1.79 12.49 2.43
CA SER B 120 3.03 13.10 2.95
C SER B 120 3.06 14.61 2.83
N ILE B 121 2.30 15.15 1.86
CA ILE B 121 2.11 16.59 1.68
C ILE B 121 0.86 17.05 2.38
N THR B 122 -0.28 16.37 2.16
CA THR B 122 -1.56 16.90 2.64
C THR B 122 -1.65 16.89 4.17
N LYS B 123 -1.04 15.90 4.83
CA LYS B 123 -1.08 15.87 6.29
C LYS B 123 -0.38 17.08 6.94
N PRO B 124 0.89 17.37 6.57
CA PRO B 124 1.48 18.58 7.19
C PRO B 124 0.80 19.88 6.77
N LEU B 125 0.23 19.90 5.57
CA LEU B 125 -0.47 21.09 5.05
C LEU B 125 -1.72 21.38 5.87
N PHE B 126 -2.55 20.35 6.07
CA PHE B 126 -3.74 20.46 6.92
C PHE B 126 -3.39 20.64 8.40
N ALA B 127 -2.18 20.23 8.79
CA ALA B 127 -1.66 20.46 10.16
C ALA B 127 -1.01 21.84 10.37
N GLY B 128 -1.24 22.78 9.46
CA GLY B 128 -0.89 24.19 9.67
C GLY B 128 0.57 24.56 9.41
N LYS B 129 1.36 23.64 8.86
CA LYS B 129 2.78 23.91 8.61
C LYS B 129 2.93 24.83 7.40
N GLN B 130 3.78 25.85 7.53
CA GLN B 130 4.03 26.81 6.45
C GLN B 130 5.50 26.78 6.04
N THR B 131 6.17 25.68 6.36
CA THR B 131 7.61 25.55 6.17
C THR B 131 8.08 25.75 4.73
N MET B 132 7.20 25.52 3.75
CA MET B 132 7.60 25.38 2.33
C MET B 132 7.90 23.89 2.13
N ILE B 133 7.19 23.26 1.19
CA ILE B 133 7.23 21.80 1.05
C ILE B 133 8.62 21.35 0.58
N PRO B 134 9.25 20.41 1.31
CA PRO B 134 10.62 20.02 0.97
C PRO B 134 10.74 19.43 -0.43
N LYS B 135 11.92 19.61 -1.01
CA LYS B 135 12.23 19.11 -2.35
C LYS B 135 11.98 17.62 -2.49
N GLU B 136 12.24 16.86 -1.43
CA GLU B 136 12.02 15.42 -1.46
C GLU B 136 10.58 15.08 -1.81
N ARG B 137 9.62 15.93 -1.43
CA ARG B 137 8.21 15.68 -1.73
C ARG B 137 7.90 15.98 -3.19
N TYR B 138 8.60 16.94 -3.77
CA TYR B 138 8.47 17.18 -5.20
C TYR B 138 9.02 15.99 -5.95
N ASP B 139 10.20 15.56 -5.56
CA ASP B 139 10.85 14.42 -6.17
C ASP B 139 9.98 13.17 -6.08
N ALA B 140 9.29 12.99 -4.96
CA ALA B 140 8.42 11.80 -4.78
C ALA B 140 7.27 11.77 -5.79
N ILE B 141 6.76 12.93 -6.17
CA ILE B 141 5.68 12.98 -7.18
C ILE B 141 6.24 12.68 -8.56
N ILE B 142 7.34 13.32 -8.92
CA ILE B 142 7.96 13.05 -10.22
C ILE B 142 8.29 11.56 -10.35
N GLU B 143 8.72 10.92 -9.25
CA GLU B 143 9.02 9.50 -9.25
C GLU B 143 7.80 8.66 -9.62
N VAL B 144 6.64 9.06 -9.11
CA VAL B 144 5.37 8.41 -9.46
C VAL B 144 5.13 8.50 -10.97
N TYR B 145 5.24 9.70 -11.52
CA TYR B 145 5.00 9.89 -12.94
C TYR B 145 5.98 9.09 -13.79
N ASP B 146 7.25 9.10 -13.40
CA ASP B 146 8.26 8.36 -14.13
C ASP B 146 7.92 6.85 -14.14
N PHE B 147 7.55 6.30 -12.99
CA PHE B 147 7.17 4.89 -12.94
C PHE B 147 5.91 4.61 -13.73
N LEU B 148 4.90 5.46 -13.61
CA LEU B 148 3.64 5.21 -14.32
C LEU B 148 3.82 5.24 -15.82
N GLU B 149 4.66 6.16 -16.30
CA GLU B 149 4.95 6.23 -17.72
C GLU B 149 5.58 4.91 -18.20
N LYS B 150 6.45 4.32 -17.39
CA LYS B 150 7.05 3.02 -17.71
C LYS B 150 6.01 1.89 -17.66
N PHE B 151 5.16 1.92 -16.64
CA PHE B 151 4.17 0.88 -16.43
C PHE B 151 3.19 0.82 -17.60
N LEU B 152 2.89 1.98 -18.18
CA LEU B 152 1.97 2.09 -19.32
C LEU B 152 2.60 1.72 -20.66
N ALA B 153 3.91 1.46 -20.70
CA ALA B 153 4.52 1.07 -21.99
C ALA B 153 3.85 -0.15 -22.66
N GLY B 154 3.47 0.00 -23.92
CA GLY B 154 2.91 -1.08 -24.69
C GLY B 154 1.49 -1.46 -24.36
N ASN B 155 0.82 -0.68 -23.51
CA ASN B 155 -0.54 -1.05 -23.12
C ASN B 155 -1.45 0.15 -23.00
N ASP B 156 -2.75 -0.06 -23.18
CA ASP B 156 -3.70 1.03 -23.09
C ASP B 156 -4.09 1.30 -21.64
N TYR B 157 -3.89 0.33 -20.74
CA TYR B 157 -4.30 0.50 -19.34
C TYR B 157 -3.13 0.18 -18.44
N VAL B 158 -3.26 0.51 -17.17
CA VAL B 158 -2.11 0.46 -16.29
C VAL B 158 -1.65 -0.95 -15.93
N ALA B 159 -2.53 -1.94 -16.03
CA ALA B 159 -2.17 -3.30 -15.67
C ALA B 159 -2.28 -4.28 -16.84
N GLY B 160 -2.32 -3.77 -18.07
CA GLY B 160 -2.47 -4.62 -19.26
C GLY B 160 -3.40 -3.99 -20.27
N ASN B 161 -4.06 -4.83 -21.07
CA ASN B 161 -4.81 -4.34 -22.22
C ASN B 161 -6.29 -4.13 -21.95
N GLN B 162 -6.69 -4.27 -20.68
CA GLN B 162 -8.07 -4.04 -20.30
C GLN B 162 -8.16 -3.18 -19.05
N LEU B 163 -9.24 -2.42 -18.99
CA LEU B 163 -9.54 -1.58 -17.83
C LEU B 163 -9.65 -2.45 -16.58
N THR B 164 -9.01 -2.05 -15.49
CA THR B 164 -9.16 -2.78 -14.21
C THR B 164 -9.26 -1.79 -13.07
N ILE B 165 -9.53 -2.33 -11.88
CA ILE B 165 -9.54 -1.53 -10.68
C ILE B 165 -8.21 -0.82 -10.42
N ALA B 166 -7.10 -1.30 -10.95
CA ALA B 166 -5.82 -0.58 -10.84
C ALA B 166 -5.87 0.75 -11.52
N ASP B 167 -6.55 0.83 -12.68
CA ASP B 167 -6.73 2.14 -13.33
C ASP B 167 -7.50 3.12 -12.45
N PHE B 168 -8.57 2.66 -11.82
CA PHE B 168 -9.38 3.49 -10.96
C PHE B 168 -8.62 3.99 -9.74
N SER B 169 -7.86 3.09 -9.11
CA SER B 169 -7.09 3.45 -7.94
C SER B 169 -6.03 4.49 -8.31
N ILE B 170 -5.26 4.24 -9.37
CA ILE B 170 -4.16 5.12 -9.70
C ILE B 170 -4.67 6.47 -10.25
N ILE B 171 -5.73 6.48 -11.06
CA ILE B 171 -6.20 7.78 -11.57
C ILE B 171 -6.74 8.63 -10.43
N SER B 172 -7.31 8.00 -9.39
CA SER B 172 -7.87 8.77 -8.29
C SER B 172 -6.81 9.65 -7.65
N THR B 173 -5.63 9.10 -7.38
CA THR B 173 -4.55 9.89 -6.80
C THR B 173 -3.79 10.72 -7.83
N VAL B 174 -3.56 10.21 -9.04
CA VAL B 174 -2.82 11.00 -10.04
C VAL B 174 -3.60 12.27 -10.37
N SER B 175 -4.92 12.14 -10.48
CA SER B 175 -5.77 13.32 -10.76
C SER B 175 -5.65 14.37 -9.66
N SER B 176 -5.31 13.95 -8.45
CA SER B 176 -5.12 14.88 -7.34
C SER B 176 -3.69 15.36 -7.14
N LEU B 177 -2.70 14.54 -7.47
CA LEU B 177 -1.30 14.96 -7.46
C LEU B 177 -1.06 16.11 -8.43
N GLU B 178 -1.86 16.19 -9.48
CA GLU B 178 -1.71 17.29 -10.45
C GLU B 178 -1.86 18.68 -9.88
N VAL B 179 -2.61 18.82 -8.80
CA VAL B 179 -2.70 20.09 -8.13
C VAL B 179 -1.34 20.56 -7.63
N PHE B 180 -0.49 19.63 -7.20
CA PHE B 180 0.83 19.96 -6.73
C PHE B 180 1.85 20.03 -7.87
N VAL B 181 1.83 19.04 -8.76
CA VAL B 181 2.72 19.05 -9.94
C VAL B 181 1.91 18.56 -11.13
N LYS B 182 1.58 19.46 -12.04
CA LYS B 182 0.84 19.07 -13.23
C LYS B 182 1.64 18.02 -14.00
N VAL B 183 0.96 17.00 -14.54
CA VAL B 183 1.63 16.04 -15.43
C VAL B 183 1.98 16.75 -16.75
N ASP B 184 3.27 16.80 -17.07
CA ASP B 184 3.69 17.40 -18.33
C ASP B 184 3.34 16.47 -19.46
N THR B 185 2.51 16.95 -20.38
CA THR B 185 1.96 16.09 -21.42
C THR B 185 2.96 15.80 -22.53
N THR B 186 4.03 16.58 -22.56
CA THR B 186 5.10 16.35 -23.50
C THR B 186 6.11 15.36 -22.94
N LYS B 187 6.42 15.48 -21.64
CA LYS B 187 7.31 14.55 -20.96
C LYS B 187 6.65 13.19 -20.80
N TYR B 188 5.34 13.19 -20.54
CA TYR B 188 4.63 11.94 -20.17
C TYR B 188 3.47 11.69 -21.13
N PRO B 189 3.78 11.36 -22.39
CA PRO B 189 2.70 11.16 -23.35
C PRO B 189 1.83 9.94 -23.04
N ARG B 190 2.41 8.90 -22.46
CA ARG B 190 1.60 7.75 -22.09
C ARG B 190 0.62 8.06 -20.97
N ILE B 191 1.07 8.78 -19.93
CA ILE B 191 0.15 9.15 -18.87
C ILE B 191 -0.95 10.04 -19.44
N ALA B 192 -0.58 11.01 -20.27
CA ALA B 192 -1.55 11.91 -20.84
C ALA B 192 -2.61 11.17 -21.65
N ALA B 193 -2.16 10.22 -22.46
CA ALA B 193 -3.09 9.46 -23.30
C ALA B 193 -4.02 8.57 -22.48
N TRP B 194 -3.45 8.00 -21.42
CA TRP B 194 -4.20 7.14 -20.53
C TRP B 194 -5.26 7.96 -19.78
N PHE B 195 -4.91 9.14 -19.32
CA PHE B 195 -5.88 10.03 -18.67
C PHE B 195 -7.03 10.33 -19.66
N LYS B 196 -6.69 10.63 -20.91
CA LYS B 196 -7.73 10.93 -21.89
C LYS B 196 -8.63 9.73 -22.15
N ARG B 197 -8.05 8.54 -22.15
CA ARG B 197 -8.82 7.31 -22.36
C ARG B 197 -9.81 7.11 -21.21
N LEU B 198 -9.37 7.31 -19.98
CA LEU B 198 -10.25 7.13 -18.83
C LEU B 198 -11.32 8.23 -18.78
N GLN B 199 -10.95 9.43 -19.21
CA GLN B 199 -11.91 10.54 -19.22
C GLN B 199 -13.08 10.30 -20.15
N LYS B 200 -12.91 9.46 -21.17
CA LYS B 200 -14.02 9.07 -22.04
C LYS B 200 -15.02 8.11 -21.42
N LEU B 201 -14.68 7.47 -20.30
CA LEU B 201 -15.67 6.61 -19.64
C LEU B 201 -16.87 7.45 -19.22
N PRO B 202 -18.10 6.96 -19.46
CA PRO B 202 -19.28 7.82 -19.26
C PRO B 202 -19.43 8.30 -17.82
N TYR B 203 -18.97 7.46 -16.89
CA TYR B 203 -19.06 7.75 -15.45
C TYR B 203 -17.81 8.43 -14.84
N TYR B 204 -16.78 8.70 -15.65
CA TYR B 204 -15.55 9.24 -15.09
C TYR B 204 -15.76 10.57 -14.35
N GLU B 205 -16.48 11.51 -14.94
CA GLU B 205 -16.57 12.83 -14.33
C GLU B 205 -17.38 12.82 -13.06
N GLU B 206 -18.47 12.07 -13.05
CA GLU B 206 -19.27 11.94 -11.86
C GLU B 206 -18.53 11.23 -10.74
N ALA B 207 -17.82 10.16 -11.09
CA ALA B 207 -17.19 9.31 -10.09
C ALA B 207 -15.87 9.88 -9.58
N ASN B 208 -15.07 10.49 -10.46
CA ASN B 208 -13.76 11.00 -10.08
C ASN B 208 -13.55 12.47 -10.35
N GLY B 209 -13.97 12.92 -11.53
CA GLY B 209 -13.62 14.27 -11.96
C GLY B 209 -14.12 15.36 -11.04
N ASN B 210 -15.38 15.27 -10.67
CA ASN B 210 -15.98 16.31 -9.82
C ASN B 210 -15.28 16.43 -8.47
N GLY B 211 -15.06 15.29 -7.83
CA GLY B 211 -14.32 15.29 -6.57
C GLY B 211 -12.87 15.71 -6.70
N ALA B 212 -12.21 15.37 -7.80
CA ALA B 212 -10.87 15.84 -8.06
C ALA B 212 -10.87 17.37 -8.10
N ARG B 213 -11.89 17.95 -8.69
CA ARG B 213 -11.98 19.41 -8.76
C ARG B 213 -12.24 20.01 -7.40
N THR B 214 -13.09 19.36 -6.61
CA THR B 214 -13.31 19.81 -5.24
C THR B 214 -12.04 19.74 -4.42
N PHE B 215 -11.30 18.63 -4.53
CA PHE B 215 -9.99 18.50 -3.89
C PHE B 215 -9.05 19.63 -4.28
N GLU B 216 -8.97 19.91 -5.58
CA GLU B 216 -8.12 20.99 -6.07
C GLU B 216 -8.52 22.30 -5.41
N SER B 217 -9.82 22.59 -5.36
CA SER B 217 -10.27 23.86 -4.76
C SER B 217 -9.86 23.95 -3.28
N PHE B 218 -10.02 22.85 -2.55
CA PHE B 218 -9.59 22.79 -1.14
C PHE B 218 -8.08 23.10 -1.03
N ILE B 219 -7.27 22.47 -1.86
CA ILE B 219 -5.85 22.60 -1.73
C ILE B 219 -5.43 24.01 -2.11
N ARG B 220 -6.10 24.62 -3.10
CA ARG B 220 -5.71 25.97 -3.54
C ARG B 220 -6.09 27.08 -2.55
N GLU B 221 -6.82 26.74 -1.48
CA GLU B 221 -6.98 27.60 -0.29
C GLU B 221 -5.63 27.89 0.39
N TYR B 222 -4.71 26.93 0.35
CA TYR B 222 -3.40 27.09 0.99
C TYR B 222 -2.40 27.72 0.03
N ASN B 223 -1.46 28.49 0.57
CA ASN B 223 -0.40 29.12 -0.23
C ASN B 223 0.91 28.33 -0.15
N PHE B 224 0.88 27.11 -0.68
CA PHE B 224 2.04 26.21 -0.61
C PHE B 224 3.09 26.54 -1.66
N THR B 225 4.35 26.26 -1.34
CA THR B 225 5.44 26.31 -2.31
C THR B 225 6.34 25.12 -2.11
N PHE B 226 7.03 24.71 -3.17
CA PHE B 226 8.07 23.69 -3.06
C PHE B 226 9.44 24.35 -2.92
N ALA B 227 10.28 23.83 -2.02
CA ALA B 227 11.67 24.28 -1.92
C ALA B 227 12.46 23.83 -3.14
N SER B 228 13.41 24.65 -3.59
CA SER B 228 14.30 24.32 -4.72
C SER B 228 15.39 23.30 -4.34
N ASN B 229 15.74 23.25 -3.05
CA ASN B 229 16.63 22.22 -2.51
C ASN B 229 16.20 21.81 -1.11
CB1 GSF C . 8.40 -2.38 -1.02
CG1 GSF C . 9.49 -2.72 -2.03
CD1 GSF C . 10.74 -1.90 -1.74
OE1 GSF C . 10.72 -0.70 -1.74
C1 GSF C . 6.93 -4.42 -1.36
O11 GSF C . 6.12 -4.93 -0.57
O12 GSF C . 7.57 -5.11 -2.18
N1 GSF C . 6.05 -2.36 -0.44
CA1 GSF C . 7.04 -2.92 -1.40
N2 GSF C . 11.86 -2.58 -1.45
CA2 GSF C . 13.14 -1.90 -1.15
CB2 GSF C . 14.04 -2.71 -0.19
SG2 GSF C . 13.59 -2.68 1.47
O2S GSF C . 14.07 -1.27 1.89
C2 GSF C . 13.85 -1.67 -2.47
O2 GSF C . 13.82 -2.50 -3.37
N3 GSF C . 14.55 -0.52 -2.58
CA3 GSF C . 15.34 -0.17 -3.77
C3 GSF C . 14.60 0.76 -4.72
O31 GSF C . 13.46 1.16 -4.41
O32 GSF C . 15.23 1.14 -5.73
CB1 GSF D . -6.09 5.75 2.31
CG1 GSF D . -7.20 6.06 3.30
CD1 GSF D . -6.97 7.45 3.87
OE1 GSF D . -5.96 7.74 4.45
C1 GSF D . -7.16 3.79 1.11
O11 GSF D . -8.32 3.75 1.61
O12 GSF D . -6.95 3.39 -0.06
N1 GSF D . -4.74 4.12 1.14
CA1 GSF D . -5.99 4.28 1.92
N2 GSF D . -7.94 8.31 3.65
CA2 GSF D . -7.92 9.67 4.16
CB2 GSF D . -8.74 10.57 3.23
SG2 GSF D . -7.93 10.96 1.74
O2S GSF D . -6.77 11.87 2.13
C2 GSF D . -8.45 9.70 5.57
O2 GSF D . -9.44 9.04 5.89
N3 GSF D . -7.86 10.50 6.47
CA3 GSF D . -8.38 10.66 7.81
C3 GSF D . -7.60 9.88 8.83
O31 GSF D . -7.91 10.04 10.04
O32 GSF D . -6.71 9.12 8.40
#